data_8ZED
#
_entry.id   8ZED
#
_cell.length_a   51.562
_cell.length_b   122.893
_cell.length_c   69.728
_cell.angle_alpha   90.000
_cell.angle_beta   90.000
_cell.angle_gamma   90.000
#
_symmetry.space_group_name_H-M   'P 1 21 1'
#
loop_
_entity.id
_entity.type
_entity.pdbx_description
1 polymer 'AtoB aldolase'
2 non-polymer 'CALCIUM ION'
3 water water
#
_entity_poly.entity_id   1
_entity_poly.type   'polypeptide(L)'
_entity_poly.pdbx_seq_one_letter_code
;ALPLRERLIQTADHYFRNMESFDLETGLTGRTADCILKVLPASFGMPDRTNEECMAAHIATRADMTMKNFKAWRVPGSIP
IVDEANRKVVFHMEIYAEMGDGVYHNEFIFIMTTNDEGTLLKEVAEYVDTAAEKKFAAERMARTKGS
;
_entity_poly.pdbx_strand_id   A,B,C,D
#
loop_
_chem_comp.id
_chem_comp.type
_chem_comp.name
_chem_comp.formula
CA non-polymer 'CALCIUM ION' 'Ca 2'
#
# COMPACT_ATOMS: atom_id res chain seq x y z
N ALA A 1 -7.85 17.07 -33.04
CA ALA A 1 -7.20 17.86 -31.98
C ALA A 1 -8.06 17.89 -30.72
N LEU A 2 -7.50 17.41 -29.62
CA LEU A 2 -8.17 17.39 -28.32
C LEU A 2 -7.49 18.37 -27.36
N PRO A 3 -8.23 18.91 -26.39
CA PRO A 3 -7.58 19.69 -25.33
C PRO A 3 -6.57 18.84 -24.59
N LEU A 4 -5.50 19.49 -24.12
CA LEU A 4 -4.39 18.76 -23.52
C LEU A 4 -4.85 18.00 -22.27
N ARG A 5 -5.77 18.57 -21.50
CA ARG A 5 -6.28 17.88 -20.32
C ARG A 5 -6.98 16.58 -20.69
N GLU A 6 -7.84 16.63 -21.70
CA GLU A 6 -8.56 15.44 -22.12
C GLU A 6 -7.62 14.45 -22.82
N ARG A 7 -6.70 14.96 -23.65
CA ARG A 7 -5.77 14.08 -24.35
C ARG A 7 -4.88 13.33 -23.38
N LEU A 8 -4.49 13.97 -22.27
CA LEU A 8 -3.72 13.28 -21.25
C LEU A 8 -4.53 12.17 -20.59
N ILE A 9 -5.84 12.36 -20.45
CA ILE A 9 -6.68 11.35 -19.84
C ILE A 9 -6.87 10.15 -20.77
N GLN A 10 -7.07 10.42 -22.07
CA GLN A 10 -7.22 9.34 -23.04
C GLN A 10 -5.95 8.49 -23.11
N THR A 11 -4.78 9.15 -23.13
CA THR A 11 -3.53 8.41 -23.22
C THR A 11 -3.28 7.57 -21.96
N ALA A 12 -3.57 8.12 -20.79
CA ALA A 12 -3.36 7.37 -19.56
C ALA A 12 -4.38 6.25 -19.40
N ASP A 13 -5.61 6.47 -19.87
CA ASP A 13 -6.63 5.42 -19.78
C ASP A 13 -6.37 4.26 -20.74
N HIS A 14 -5.60 4.48 -21.81
CA HIS A 14 -5.32 3.40 -22.75
C HIS A 14 -4.52 2.28 -22.10
N TYR A 15 -3.76 2.60 -21.05
CA TYR A 15 -3.02 1.57 -20.32
C TYR A 15 -3.95 0.49 -19.79
N PHE A 16 -5.11 0.89 -19.26
CA PHE A 16 -6.07 -0.09 -18.75
C PHE A 16 -6.84 -0.75 -19.89
N ARG A 17 -7.03 -0.06 -21.01
CA ARG A 17 -7.70 -0.67 -22.15
C ARG A 17 -6.80 -1.74 -22.79
N ASN A 18 -5.50 -1.49 -22.81
CA ASN A 18 -4.56 -2.48 -23.36
C ASN A 18 -4.47 -3.72 -22.47
N MET A 19 -4.74 -3.58 -21.17
CA MET A 19 -4.69 -4.73 -20.28
C MET A 19 -5.95 -5.56 -20.36
N GLU A 20 -7.10 -4.94 -20.63
CA GLU A 20 -8.35 -5.69 -20.73
C GLU A 20 -8.40 -6.52 -22.01
N SER A 21 -7.80 -6.04 -23.09
CA SER A 21 -7.74 -6.76 -24.35
C SER A 21 -6.32 -7.18 -24.70
N PHE A 22 -5.58 -7.64 -23.69
CA PHE A 22 -4.17 -7.95 -23.88
C PHE A 22 -3.99 -9.22 -24.70
N ASP A 23 -3.04 -9.17 -25.63
CA ASP A 23 -2.69 -10.30 -26.47
C ASP A 23 -1.21 -10.21 -26.80
N LEU A 24 -0.52 -11.35 -26.77
CA LEU A 24 0.92 -11.35 -26.97
C LEU A 24 1.32 -10.88 -28.37
N GLU A 25 0.49 -11.14 -29.38
CA GLU A 25 0.81 -10.71 -30.73
C GLU A 25 0.83 -9.19 -30.83
N THR A 26 -0.24 -8.55 -30.36
CA THR A 26 -0.26 -7.08 -30.33
C THR A 26 0.64 -6.54 -29.23
N GLY A 27 0.48 -7.04 -28.01
CA GLY A 27 1.36 -6.67 -26.92
C GLY A 27 1.01 -5.35 -26.24
N LEU A 28 2.03 -4.56 -25.95
CA LEU A 28 1.87 -3.30 -25.24
C LEU A 28 1.81 -2.16 -26.26
N THR A 29 0.76 -1.33 -26.13
CA THR A 29 0.54 -0.22 -27.05
C THR A 29 0.41 1.07 -26.26
N GLY A 30 0.61 2.19 -26.95
CA GLY A 30 0.47 3.49 -26.33
C GLY A 30 1.61 3.91 -25.44
N ARG A 31 2.79 3.30 -25.58
CA ARG A 31 3.94 3.63 -24.77
C ARG A 31 5.13 3.99 -25.67
N THR A 32 6.05 4.77 -25.10
CA THR A 32 7.30 5.05 -25.78
C THR A 32 8.21 3.83 -25.73
N ALA A 33 9.27 3.86 -26.55
CA ALA A 33 10.22 2.76 -26.58
C ALA A 33 10.99 2.62 -25.27
N ASP A 34 11.11 3.71 -24.50
CA ASP A 34 11.87 3.70 -23.25
C ASP A 34 10.95 3.81 -22.03
N CYS A 35 9.74 3.28 -22.12
CA CYS A 35 8.79 3.37 -21.02
C CYS A 35 9.22 2.46 -19.87
N ILE A 36 8.86 2.86 -18.66
CA ILE A 36 9.24 2.16 -17.44
C ILE A 36 8.01 1.95 -16.58
N LEU A 37 7.86 0.75 -16.02
CA LEU A 37 6.80 0.44 -15.08
C LEU A 37 7.39 0.39 -13.67
N LYS A 38 6.91 1.28 -12.80
CA LYS A 38 7.38 1.35 -11.43
C LYS A 38 6.31 0.81 -10.49
N VAL A 39 6.74 0.02 -9.50
CA VAL A 39 5.87 -0.58 -8.51
C VAL A 39 6.22 0.00 -7.15
N LEU A 40 5.26 0.70 -6.53
CA LEU A 40 5.39 1.33 -5.23
C LEU A 40 4.66 0.51 -4.17
N PRO A 41 5.15 0.52 -2.91
CA PRO A 41 6.33 1.21 -2.40
C PRO A 41 7.60 0.40 -2.62
N ALA A 42 8.78 1.00 -2.35
CA ALA A 42 10.03 0.29 -2.55
C ALA A 42 10.21 -0.89 -1.60
N SER A 43 9.47 -0.92 -0.49
CA SER A 43 9.58 -2.03 0.44
C SER A 43 9.03 -3.32 -0.14
N PHE A 44 8.17 -3.24 -1.17
CA PHE A 44 7.63 -4.45 -1.77
C PHE A 44 8.71 -5.26 -2.50
N GLY A 45 9.74 -4.58 -3.01
CA GLY A 45 10.88 -5.26 -3.58
C GLY A 45 10.85 -5.48 -5.08
N MET A 46 9.87 -4.91 -5.78
CA MET A 46 9.77 -5.10 -7.22
C MET A 46 10.62 -4.05 -7.93
N PRO A 47 11.60 -4.46 -8.75
CA PRO A 47 12.39 -3.48 -9.49
C PRO A 47 11.64 -2.91 -10.68
N ASP A 48 12.11 -1.76 -11.13
CA ASP A 48 11.54 -1.14 -12.32
C ASP A 48 11.78 -2.01 -13.55
N ARG A 49 10.84 -1.97 -14.49
CA ARG A 49 10.86 -2.84 -15.65
C ARG A 49 10.58 -2.04 -16.92
N THR A 50 11.27 -2.41 -18.00
CA THR A 50 11.09 -1.78 -19.30
C THR A 50 9.87 -2.37 -20.01
N ASN A 51 9.66 -1.94 -21.26
CA ASN A 51 8.56 -2.48 -22.07
C ASN A 51 8.80 -3.94 -22.43
N GLU A 52 10.04 -4.42 -22.33
CA GLU A 52 10.40 -5.79 -22.67
C GLU A 52 10.44 -6.71 -21.46
N GLU A 53 10.80 -6.18 -20.29
CA GLU A 53 10.83 -6.99 -19.09
C GLU A 53 9.43 -7.29 -18.57
N CYS A 54 8.48 -6.38 -18.79
CA CYS A 54 7.10 -6.65 -18.43
C CYS A 54 6.51 -7.73 -19.32
N MET A 55 6.89 -7.75 -20.60
CA MET A 55 6.43 -8.80 -21.51
C MET A 55 6.93 -10.16 -21.05
N ALA A 56 8.19 -10.25 -20.62
CA ALA A 56 8.72 -11.53 -20.16
C ALA A 56 7.99 -12.02 -18.92
N ALA A 57 7.63 -11.09 -18.03
CA ALA A 57 6.81 -11.47 -16.88
C ALA A 57 5.43 -11.93 -17.30
N HIS A 58 4.85 -11.25 -18.31
CA HIS A 58 3.56 -11.68 -18.83
C HIS A 58 3.63 -13.10 -19.38
N ILE A 59 4.67 -13.39 -20.16
CA ILE A 59 4.81 -14.71 -20.79
C ILE A 59 5.04 -15.78 -19.73
N ALA A 60 5.87 -15.48 -18.71
CA ALA A 60 6.13 -16.45 -17.66
C ALA A 60 4.89 -16.72 -16.81
N THR A 61 4.01 -15.73 -16.67
CA THR A 61 2.79 -15.96 -15.90
C THR A 61 1.79 -16.81 -16.67
N ARG A 62 1.85 -16.79 -18.00
CA ARG A 62 0.94 -17.61 -18.79
C ARG A 62 1.22 -19.10 -18.65
N ALA A 63 2.47 -19.46 -18.34
CA ALA A 63 2.83 -20.87 -18.18
C ALA A 63 2.51 -21.41 -16.80
N ASP A 64 2.18 -20.55 -15.84
CA ASP A 64 1.90 -20.98 -14.47
C ASP A 64 0.42 -20.94 -14.13
N MET A 65 -0.29 -19.90 -14.53
CA MET A 65 -1.72 -19.77 -14.24
C MET A 65 -2.45 -19.25 -15.45
N THR A 66 -3.75 -19.49 -15.49
CA THR A 66 -4.63 -18.92 -16.49
C THR A 66 -5.19 -17.60 -15.98
N MET A 67 -5.32 -16.63 -16.88
CA MET A 67 -5.80 -15.30 -16.54
C MET A 67 -6.93 -14.92 -17.49
N LYS A 68 -8.13 -14.70 -16.94
CA LYS A 68 -9.29 -14.36 -17.73
C LYS A 68 -10.02 -13.19 -17.10
N ASN A 69 -10.74 -12.43 -17.93
CA ASN A 69 -11.66 -11.39 -17.49
C ASN A 69 -10.94 -10.31 -16.67
N PHE A 70 -10.00 -9.64 -17.32
CA PHE A 70 -9.38 -8.46 -16.72
C PHE A 70 -10.34 -7.29 -16.78
N LYS A 71 -10.46 -6.57 -15.67
CA LYS A 71 -11.38 -5.43 -15.59
C LYS A 71 -10.75 -4.33 -14.76
N ALA A 72 -10.78 -3.11 -15.29
CA ALA A 72 -10.25 -1.93 -14.61
C ALA A 72 -11.32 -0.85 -14.61
N TRP A 73 -11.56 -0.26 -13.45
CA TRP A 73 -12.54 0.82 -13.35
C TRP A 73 -12.12 1.77 -12.24
N ARG A 74 -12.42 3.05 -12.43
CA ARG A 74 -12.14 4.05 -11.43
C ARG A 74 -13.06 3.86 -10.22
N VAL A 75 -12.52 4.17 -9.04
CA VAL A 75 -13.35 4.10 -7.83
C VAL A 75 -14.48 5.11 -7.95
N PRO A 76 -15.73 4.72 -7.71
CA PRO A 76 -16.86 5.65 -7.89
C PRO A 76 -16.71 6.88 -7.01
N GLY A 77 -16.87 8.05 -7.63
CA GLY A 77 -16.73 9.32 -6.95
C GLY A 77 -15.38 9.99 -7.15
N SER A 78 -14.39 9.26 -7.65
CA SER A 78 -13.06 9.82 -7.87
C SER A 78 -12.96 10.44 -9.27
N ILE A 79 -12.11 11.46 -9.38
CA ILE A 79 -11.93 12.18 -10.64
C ILE A 79 -10.46 12.10 -11.05
N PRO A 80 -10.15 12.15 -12.35
CA PRO A 80 -8.75 12.13 -12.78
C PRO A 80 -8.02 13.40 -12.36
N ILE A 81 -6.90 13.23 -11.68
CA ILE A 81 -6.04 14.35 -11.29
C ILE A 81 -5.02 14.55 -12.41
N VAL A 82 -5.10 15.70 -13.08
CA VAL A 82 -4.29 15.98 -14.26
C VAL A 82 -3.43 17.21 -13.99
N ASP A 83 -2.12 17.07 -14.19
CA ASP A 83 -1.17 18.18 -14.15
C ASP A 83 -0.63 18.35 -15.56
N GLU A 84 -1.17 19.32 -16.29
CA GLU A 84 -0.79 19.50 -17.69
C GLU A 84 0.67 19.89 -17.85
N ALA A 85 1.18 20.71 -16.92
CA ALA A 85 2.55 21.18 -17.04
C ALA A 85 3.56 20.04 -16.92
N ASN A 86 3.33 19.11 -15.99
CA ASN A 86 4.20 17.96 -15.80
C ASN A 86 3.77 16.74 -16.59
N ARG A 87 2.68 16.85 -17.36
CA ARG A 87 2.17 15.76 -18.20
C ARG A 87 1.88 14.51 -17.37
N LYS A 88 1.18 14.71 -16.25
CA LYS A 88 0.92 13.64 -15.30
C LYS A 88 -0.58 13.50 -15.06
N VAL A 89 -1.02 12.25 -14.92
CA VAL A 89 -2.42 11.91 -14.61
C VAL A 89 -2.42 10.92 -13.47
N VAL A 90 -3.24 11.18 -12.46
CA VAL A 90 -3.34 10.34 -11.27
C VAL A 90 -4.71 9.68 -11.23
N PHE A 91 -4.74 8.38 -10.97
CA PHE A 91 -5.97 7.60 -10.95
C PHE A 91 -6.10 6.85 -9.64
N HIS A 92 -7.33 6.70 -9.18
CA HIS A 92 -7.68 5.82 -8.06
C HIS A 92 -8.47 4.66 -8.63
N MET A 93 -7.84 3.49 -8.71
CA MET A 93 -8.34 2.39 -9.52
C MET A 93 -8.57 1.13 -8.69
N GLU A 94 -9.37 0.23 -9.26
CA GLU A 94 -9.51 -1.14 -8.78
C GLU A 94 -9.30 -2.07 -9.96
N ILE A 95 -8.61 -3.18 -9.72
CA ILE A 95 -8.27 -4.14 -10.76
C ILE A 95 -8.90 -5.48 -10.41
N TYR A 96 -9.56 -6.10 -11.39
CA TYR A 96 -10.19 -7.40 -11.23
C TYR A 96 -9.65 -8.37 -12.26
N ALA A 97 -9.41 -9.61 -11.85
CA ALA A 97 -8.91 -10.63 -12.75
C ALA A 97 -9.23 -12.01 -12.17
N GLU A 98 -9.59 -12.94 -13.04
CA GLU A 98 -9.90 -14.30 -12.64
C GLU A 98 -8.70 -15.19 -12.91
N MET A 99 -8.04 -15.65 -11.84
CA MET A 99 -6.91 -16.54 -11.96
C MET A 99 -7.36 -17.99 -11.81
N GLY A 100 -6.41 -18.91 -11.87
CA GLY A 100 -6.72 -20.31 -11.63
C GLY A 100 -7.07 -20.59 -10.18
N ASP A 101 -6.45 -19.87 -9.25
CA ASP A 101 -6.72 -20.01 -7.82
C ASP A 101 -7.68 -18.93 -7.33
N GLY A 102 -8.83 -18.79 -7.98
CA GLY A 102 -9.86 -17.88 -7.51
C GLY A 102 -9.88 -16.51 -8.16
N VAL A 103 -10.14 -15.48 -7.36
CA VAL A 103 -10.35 -14.12 -7.85
C VAL A 103 -9.22 -13.23 -7.37
N TYR A 104 -8.72 -12.37 -8.25
CA TYR A 104 -7.77 -11.33 -7.90
C TYR A 104 -8.48 -9.98 -7.96
N HIS A 105 -8.38 -9.22 -6.87
CA HIS A 105 -9.01 -7.90 -6.80
C HIS A 105 -8.28 -7.08 -5.75
N ASN A 106 -7.96 -5.83 -6.09
CA ASN A 106 -7.25 -4.95 -5.18
C ASN A 106 -7.49 -3.51 -5.59
N GLU A 107 -6.99 -2.60 -4.77
CA GLU A 107 -7.16 -1.16 -4.94
C GLU A 107 -5.79 -0.52 -5.15
N PHE A 108 -5.70 0.40 -6.12
CA PHE A 108 -4.43 0.93 -6.55
C PHE A 108 -4.49 2.45 -6.70
N ILE A 109 -3.31 3.05 -6.70
CA ILE A 109 -3.11 4.45 -7.10
C ILE A 109 -2.14 4.45 -8.27
N PHE A 110 -2.57 5.00 -9.40
CA PHE A 110 -1.77 5.00 -10.63
C PHE A 110 -1.30 6.41 -10.96
N ILE A 111 -0.05 6.52 -11.38
CA ILE A 111 0.55 7.78 -11.81
C ILE A 111 1.13 7.57 -13.19
N MET A 112 0.59 8.27 -14.18
CA MET A 112 1.05 8.17 -15.56
C MET A 112 1.81 9.42 -15.97
N THR A 113 2.86 9.24 -16.75
CA THR A 113 3.62 10.33 -17.33
C THR A 113 3.71 10.11 -18.83
N THR A 114 3.35 11.13 -19.61
CA THR A 114 3.34 11.05 -21.05
C THR A 114 4.52 11.84 -21.63
N ASN A 115 4.65 11.78 -22.95
CA ASN A 115 5.66 12.55 -23.66
C ASN A 115 5.21 14.02 -23.74
N ASP A 116 6.01 14.83 -24.45
CA ASP A 116 5.69 16.25 -24.54
C ASP A 116 4.38 16.48 -25.29
N GLU A 117 4.12 15.68 -26.33
CA GLU A 117 2.89 15.80 -27.09
C GLU A 117 1.69 15.23 -26.36
N GLY A 118 1.90 14.41 -25.33
CA GLY A 118 0.80 13.81 -24.61
C GLY A 118 0.10 12.70 -25.35
N THR A 119 0.81 12.01 -26.25
CA THR A 119 0.23 10.94 -27.05
C THR A 119 0.68 9.55 -26.64
N LEU A 120 1.87 9.40 -26.08
CA LEU A 120 2.39 8.11 -25.67
C LEU A 120 2.78 8.15 -24.19
N LEU A 121 2.78 6.98 -23.57
CA LEU A 121 3.08 6.86 -22.15
C LEU A 121 4.59 6.72 -21.95
N LYS A 122 5.17 7.59 -21.14
CA LYS A 122 6.59 7.55 -20.82
C LYS A 122 6.86 6.77 -19.53
N GLU A 123 6.00 6.91 -18.52
CA GLU A 123 6.22 6.29 -17.23
C GLU A 123 4.89 5.91 -16.62
N VAL A 124 4.84 4.72 -16.01
CA VAL A 124 3.66 4.23 -15.31
C VAL A 124 4.09 3.81 -13.92
N ALA A 125 3.51 4.43 -12.89
CA ALA A 125 3.82 4.13 -11.50
C ALA A 125 2.53 3.76 -10.77
N GLU A 126 2.58 2.68 -10.00
CA GLU A 126 1.42 2.17 -9.29
C GLU A 126 1.79 1.85 -7.85
N TYR A 127 1.01 2.38 -6.90
CA TYR A 127 1.15 2.00 -5.50
C TYR A 127 0.26 0.81 -5.22
N VAL A 128 0.81 -0.18 -4.52
CA VAL A 128 0.23 -1.51 -4.45
C VAL A 128 -0.11 -1.84 -3.00
N ASP A 129 -1.21 -2.59 -2.81
CA ASP A 129 -1.59 -3.13 -1.52
C ASP A 129 -0.61 -4.23 -1.16
N THR A 130 0.38 -3.90 -0.32
CA THR A 130 1.48 -4.82 -0.06
C THR A 130 1.01 -6.07 0.69
N ALA A 131 0.07 -5.91 1.63
CA ALA A 131 -0.35 -7.05 2.43
C ALA A 131 -1.04 -8.11 1.59
N ALA A 132 -1.84 -7.69 0.60
CA ALA A 132 -2.55 -8.65 -0.23
C ALA A 132 -1.65 -9.24 -1.31
N GLU A 133 -0.73 -8.44 -1.86
CA GLU A 133 0.14 -8.94 -2.90
C GLU A 133 1.18 -9.91 -2.35
N LYS A 134 1.69 -9.65 -1.14
CA LYS A 134 2.58 -10.60 -0.49
C LYS A 134 1.85 -11.91 -0.20
N LYS A 135 0.58 -11.83 0.16
CA LYS A 135 -0.21 -13.03 0.43
C LYS A 135 -0.49 -13.79 -0.86
N PHE A 136 -0.69 -13.08 -1.97
CA PHE A 136 -0.91 -13.74 -3.25
C PHE A 136 0.36 -14.44 -3.74
N ALA A 137 1.51 -13.78 -3.57
CA ALA A 137 2.76 -14.37 -4.02
C ALA A 137 3.14 -15.60 -3.21
N ALA A 138 2.94 -15.55 -1.90
CA ALA A 138 3.26 -16.68 -1.03
C ALA A 138 2.14 -17.71 -1.04
N ALA B 1 -0.11 37.17 -1.89
CA ALA B 1 -0.64 36.93 -3.23
C ALA B 1 0.31 36.05 -4.03
N LEU B 2 0.05 34.75 -4.02
CA LEU B 2 0.84 33.76 -4.74
C LEU B 2 0.07 33.23 -5.93
N PRO B 3 0.78 32.74 -6.95
CA PRO B 3 0.12 31.93 -7.98
C PRO B 3 -0.52 30.70 -7.36
N LEU B 4 -1.63 30.25 -7.95
CA LEU B 4 -2.43 29.20 -7.33
C LEU B 4 -1.62 27.92 -7.15
N ARG B 5 -0.74 27.60 -8.10
CA ARG B 5 0.06 26.39 -7.99
C ARG B 5 0.94 26.43 -6.75
N GLU B 6 1.66 27.53 -6.53
CA GLU B 6 2.50 27.64 -5.35
C GLU B 6 1.65 27.73 -4.08
N ARG B 7 0.47 28.35 -4.15
CA ARG B 7 -0.39 28.46 -2.98
C ARG B 7 -0.97 27.09 -2.60
N LEU B 8 -1.32 26.27 -3.59
CA LEU B 8 -1.81 24.93 -3.30
C LEU B 8 -0.72 24.06 -2.69
N ILE B 9 0.52 24.21 -3.17
CA ILE B 9 1.61 23.40 -2.64
C ILE B 9 1.92 23.79 -1.19
N GLN B 10 1.91 25.09 -0.89
CA GLN B 10 2.17 25.52 0.48
C GLN B 10 1.05 25.07 1.42
N THR B 11 -0.20 25.20 0.99
CA THR B 11 -1.32 24.75 1.82
C THR B 11 -1.24 23.24 2.06
N ALA B 12 -0.85 22.48 1.05
CA ALA B 12 -0.72 21.03 1.21
C ALA B 12 0.53 20.65 1.98
N ASP B 13 1.62 21.41 1.82
CA ASP B 13 2.84 21.12 2.58
C ASP B 13 2.66 21.42 4.06
N HIS B 14 1.74 22.33 4.40
CA HIS B 14 1.54 22.67 5.81
C HIS B 14 1.08 21.48 6.63
N TYR B 15 0.43 20.51 5.99
CA TYR B 15 0.02 19.30 6.71
C TYR B 15 1.22 18.59 7.32
N PHE B 16 2.32 18.47 6.56
CA PHE B 16 3.52 17.84 7.09
C PHE B 16 4.26 18.74 8.07
N ARG B 17 4.22 20.06 7.85
CA ARG B 17 4.84 20.98 8.79
C ARG B 17 4.08 21.00 10.11
N ASN B 18 2.75 20.89 10.05
CA ASN B 18 1.96 20.87 11.28
C ASN B 18 2.18 19.59 12.07
N MET B 19 2.44 18.47 11.38
CA MET B 19 2.68 17.21 12.08
C MET B 19 4.09 17.14 12.69
N GLU B 20 5.06 17.81 12.06
CA GLU B 20 6.42 17.79 12.61
C GLU B 20 6.52 18.58 13.90
N SER B 21 5.72 19.62 14.06
CA SER B 21 5.69 20.45 15.27
C SER B 21 4.33 20.37 15.94
N PHE B 22 3.76 19.17 15.98
CA PHE B 22 2.41 19.01 16.52
C PHE B 22 2.39 19.25 18.02
N ASP B 23 1.39 20.00 18.46
CA ASP B 23 1.20 20.31 19.87
C ASP B 23 -0.29 20.31 20.17
N LEU B 24 -0.67 19.61 21.25
CA LEU B 24 -2.10 19.47 21.56
C LEU B 24 -2.75 20.81 21.83
N GLU B 25 -2.00 21.78 22.36
CA GLU B 25 -2.57 23.10 22.59
C GLU B 25 -2.86 23.81 21.28
N THR B 26 -1.92 23.74 20.33
CA THR B 26 -2.14 24.36 19.02
C THR B 26 -3.11 23.53 18.18
N GLY B 27 -2.89 22.22 18.14
CA GLY B 27 -3.79 21.33 17.42
C GLY B 27 -3.56 21.33 15.93
N LEU B 28 -4.60 20.94 15.20
CA LEU B 28 -4.54 20.88 13.75
C LEU B 28 -4.76 22.27 13.16
N THR B 29 -3.89 22.64 12.23
CA THR B 29 -3.96 23.94 11.57
C THR B 29 -4.03 23.76 10.06
N GLY B 30 -4.48 24.82 9.39
CA GLY B 30 -4.57 24.79 7.93
C GLY B 30 -5.66 23.91 7.38
N ARG B 31 -6.70 23.64 8.16
CA ARG B 31 -7.80 22.78 7.73
C ARG B 31 -9.12 23.51 7.91
N THR B 32 -10.09 23.15 7.07
CA THR B 32 -11.45 23.62 7.27
C THR B 32 -12.09 22.88 8.44
N ALA B 33 -13.23 23.40 8.91
CA ALA B 33 -13.93 22.78 10.03
C ALA B 33 -14.47 21.40 9.67
N ASP B 34 -14.68 21.11 8.39
CA ASP B 34 -15.24 19.84 7.94
C ASP B 34 -14.20 19.00 7.19
N CYS B 35 -12.92 19.17 7.52
CA CYS B 35 -11.87 18.41 6.85
C CYS B 35 -11.95 16.94 7.25
N ILE B 36 -11.70 16.06 6.29
CA ILE B 36 -11.82 14.63 6.48
C ILE B 36 -10.50 13.96 6.10
N LEU B 37 -9.99 13.12 6.99
CA LEU B 37 -8.80 12.31 6.72
C LEU B 37 -9.23 10.94 6.24
N LYS B 38 -8.64 10.49 5.14
CA LYS B 38 -8.94 9.19 4.56
C LYS B 38 -7.68 8.35 4.47
N VAL B 39 -7.79 7.08 4.85
CA VAL B 39 -6.68 6.15 4.82
C VAL B 39 -6.98 5.09 3.78
N LEU B 40 -6.19 5.05 2.71
CA LEU B 40 -6.32 4.09 1.64
C LEU B 40 -5.33 2.94 1.81
N PRO B 41 -5.67 1.72 1.37
CA PRO B 41 -6.92 1.32 0.71
C PRO B 41 -8.01 0.98 1.71
N ALA B 42 -9.22 0.68 1.23
CA ALA B 42 -10.32 0.31 2.11
C ALA B 42 -10.09 -1.05 2.77
N SER B 43 -9.23 -1.89 2.20
CA SER B 43 -8.96 -3.19 2.78
C SER B 43 -8.25 -3.10 4.12
N PHE B 44 -7.59 -1.98 4.40
CA PHE B 44 -6.89 -1.83 5.67
C PHE B 44 -7.87 -1.71 6.84
N GLY B 45 -9.08 -1.21 6.60
CA GLY B 45 -10.09 -1.15 7.63
C GLY B 45 -10.01 0.08 8.53
N MET B 46 -9.75 1.24 7.96
CA MET B 46 -9.67 2.48 8.73
C MET B 46 -10.74 3.45 8.24
N PRO B 47 -11.75 3.76 9.05
CA PRO B 47 -12.81 4.66 8.59
C PRO B 47 -12.32 6.09 8.49
N ASP B 48 -13.05 6.87 7.69
CA ASP B 48 -12.74 8.29 7.54
C ASP B 48 -12.96 9.02 8.86
N ARG B 49 -12.08 9.97 9.17
CA ARG B 49 -12.09 10.65 10.45
C ARG B 49 -12.15 12.16 10.25
N THR B 50 -12.84 12.83 11.17
CA THR B 50 -13.00 14.27 11.15
C THR B 50 -11.82 14.94 11.87
N ASN B 51 -11.92 16.27 12.00
CA ASN B 51 -10.86 17.04 12.66
C ASN B 51 -10.76 16.72 14.14
N GLU B 52 -11.86 16.30 14.78
CA GLU B 52 -11.83 15.95 16.19
C GLU B 52 -11.55 14.46 16.42
N GLU B 53 -11.92 13.61 15.47
CA GLU B 53 -11.62 12.18 15.61
C GLU B 53 -10.13 11.91 15.42
N CYS B 54 -9.46 12.68 14.57
CA CYS B 54 -8.01 12.55 14.43
C CYS B 54 -7.30 13.00 15.69
N MET B 55 -7.79 14.07 16.32
CA MET B 55 -7.21 14.52 17.58
C MET B 55 -7.39 13.50 18.69
N ALA B 56 -8.49 12.73 18.65
CA ALA B 56 -8.71 11.71 19.67
C ALA B 56 -7.68 10.59 19.55
N ALA B 57 -7.32 10.23 18.32
CA ALA B 57 -6.28 9.21 18.13
C ALA B 57 -4.93 9.72 18.60
N HIS B 58 -4.63 11.00 18.33
CA HIS B 58 -3.41 11.62 18.83
C HIS B 58 -3.33 11.52 20.35
N ILE B 59 -4.44 11.81 21.04
CA ILE B 59 -4.47 11.74 22.49
C ILE B 59 -4.37 10.30 22.96
N ALA B 60 -5.06 9.38 22.28
CA ALA B 60 -5.02 7.98 22.67
C ALA B 60 -3.66 7.35 22.45
N THR B 61 -2.88 7.87 21.50
CA THR B 61 -1.55 7.33 21.24
C THR B 61 -0.51 7.87 22.21
N ARG B 62 -0.76 9.01 22.86
CA ARG B 62 0.18 9.57 23.81
C ARG B 62 0.19 8.81 25.13
N ALA B 63 -0.87 8.08 25.45
CA ALA B 63 -0.94 7.34 26.70
C ALA B 63 -0.31 5.96 26.62
N ASP B 64 -0.12 5.43 25.41
CA ASP B 64 0.47 4.11 25.22
C ASP B 64 1.94 4.16 24.82
N MET B 65 2.30 5.03 23.88
CA MET B 65 3.67 5.16 23.41
C MET B 65 4.09 6.62 23.42
N THR B 66 5.39 6.85 23.28
CA THR B 66 5.97 8.17 23.11
C THR B 66 6.40 8.36 21.68
N MET B 67 6.09 9.52 21.11
CA MET B 67 6.48 9.85 19.74
C MET B 67 7.40 11.07 19.77
N LYS B 68 8.55 10.93 19.12
CA LYS B 68 9.55 12.00 19.08
C LYS B 68 10.17 12.06 17.69
N ASN B 69 10.57 13.28 17.30
CA ASN B 69 11.30 13.53 16.06
C ASN B 69 10.51 13.07 14.83
N PHE B 70 9.30 13.61 14.69
CA PHE B 70 8.50 13.35 13.51
C PHE B 70 9.11 14.08 12.31
N LYS B 71 9.42 13.33 11.26
CA LYS B 71 10.04 13.88 10.06
C LYS B 71 9.27 13.43 8.83
N ALA B 72 9.17 14.32 7.84
CA ALA B 72 8.51 14.03 6.59
C ALA B 72 9.26 14.72 5.46
N TRP B 73 9.44 14.02 4.34
CA TRP B 73 10.14 14.58 3.20
C TRP B 73 9.65 13.91 1.92
N ARG B 74 9.64 14.70 0.85
CA ARG B 74 9.33 14.16 -0.47
C ARG B 74 10.43 13.19 -0.91
N VAL B 75 10.02 12.13 -1.58
CA VAL B 75 11.01 11.19 -2.14
C VAL B 75 11.85 11.91 -3.18
N PRO B 76 13.19 11.82 -3.12
CA PRO B 76 14.02 12.55 -4.10
C PRO B 76 13.68 12.14 -5.52
N GLY B 77 13.61 13.14 -6.41
CA GLY B 77 13.19 12.94 -7.78
C GLY B 77 11.71 13.16 -8.03
N SER B 78 10.88 13.10 -6.98
CA SER B 78 9.46 13.32 -7.14
C SER B 78 9.14 14.81 -7.14
N ILE B 79 8.08 15.17 -7.86
CA ILE B 79 7.64 16.55 -7.96
C ILE B 79 6.17 16.63 -7.56
N PRO B 80 5.73 17.74 -6.96
CA PRO B 80 4.31 17.86 -6.58
C PRO B 80 3.42 17.91 -7.81
N ILE B 81 2.48 16.97 -7.88
CA ILE B 81 1.48 16.96 -8.96
C ILE B 81 0.32 17.85 -8.53
N VAL B 82 0.08 18.92 -9.30
CA VAL B 82 -0.90 19.94 -8.95
C VAL B 82 -1.95 20.02 -10.05
N ASP B 83 -3.22 19.89 -9.65
CA ASP B 83 -4.36 20.10 -10.53
C ASP B 83 -5.10 21.32 -9.99
N GLU B 84 -4.85 22.48 -10.58
CA GLU B 84 -5.43 23.73 -10.07
C GLU B 84 -6.95 23.72 -10.20
N ALA B 85 -7.48 23.18 -11.31
CA ALA B 85 -8.92 23.18 -11.51
C ALA B 85 -9.64 22.33 -10.48
N ASN B 86 -9.03 21.24 -10.04
CA ASN B 86 -9.62 20.36 -9.03
C ASN B 86 -9.16 20.69 -7.62
N ARG B 87 -8.25 21.67 -7.46
CA ARG B 87 -7.71 22.04 -6.15
C ARG B 87 -7.08 20.82 -5.46
N LYS B 88 -6.30 20.05 -6.21
CA LYS B 88 -5.71 18.82 -5.70
C LYS B 88 -4.20 18.84 -5.89
N VAL B 89 -3.49 18.35 -4.87
CA VAL B 89 -2.04 18.23 -4.89
C VAL B 89 -1.67 16.82 -4.48
N VAL B 90 -0.78 16.18 -5.24
CA VAL B 90 -0.34 14.81 -4.98
C VAL B 90 1.13 14.82 -4.62
N PHE B 91 1.49 14.06 -3.58
CA PHE B 91 2.86 13.96 -3.11
C PHE B 91 3.31 12.51 -3.07
N HIS B 92 4.62 12.32 -3.15
CA HIS B 92 5.27 11.04 -2.90
C HIS B 92 6.17 11.25 -1.68
N MET B 93 5.77 10.68 -0.55
CA MET B 93 6.34 11.06 0.74
C MET B 93 6.92 9.86 1.48
N GLU B 94 7.83 10.18 2.41
CA GLU B 94 8.31 9.26 3.43
C GLU B 94 8.16 9.94 4.78
N ILE B 95 7.66 9.18 5.77
CA ILE B 95 7.43 9.70 7.11
C ILE B 95 8.31 8.92 8.08
N TYR B 96 9.04 9.67 8.92
CA TYR B 96 9.88 9.10 9.96
C TYR B 96 9.38 9.54 11.33
N ALA B 97 9.37 8.62 12.28
CA ALA B 97 8.93 8.92 13.63
C ALA B 97 9.55 7.91 14.58
N GLU B 98 9.96 8.38 15.76
CA GLU B 98 10.56 7.53 16.78
C GLU B 98 9.53 7.18 17.83
N MET B 99 9.33 5.88 18.06
CA MET B 99 8.37 5.38 19.04
C MET B 99 9.12 4.74 20.20
N GLY B 100 8.34 4.19 21.15
CA GLY B 100 8.95 3.45 22.23
C GLY B 100 9.48 2.09 21.78
N ASP B 101 8.82 1.47 20.82
CA ASP B 101 9.26 0.20 20.24
C ASP B 101 10.02 0.41 18.95
N GLY B 102 11.05 1.25 18.97
CA GLY B 102 11.92 1.39 17.82
C GLY B 102 11.58 2.54 16.89
N VAL B 103 11.90 2.36 15.61
CA VAL B 103 11.76 3.40 14.60
C VAL B 103 10.56 3.10 13.72
N TYR B 104 9.76 4.14 13.44
CA TYR B 104 8.68 4.07 12.47
C TYR B 104 9.10 4.80 11.22
N HIS B 105 8.93 4.16 10.06
CA HIS B 105 9.31 4.76 8.79
C HIS B 105 8.65 3.97 7.66
N ASN B 106 7.98 4.69 6.76
CA ASN B 106 7.34 4.06 5.62
C ASN B 106 7.14 5.09 4.52
N GLU B 107 6.73 4.59 3.35
CA GLU B 107 6.56 5.38 2.15
C GLU B 107 5.08 5.54 1.85
N PHE B 108 4.69 6.72 1.37
CA PHE B 108 3.28 7.06 1.21
C PHE B 108 3.03 7.72 -0.13
N ILE B 109 1.75 7.70 -0.54
CA ILE B 109 1.22 8.54 -1.60
C ILE B 109 0.13 9.41 -0.98
N PHE B 110 0.32 10.72 -1.02
CA PHE B 110 -0.60 11.67 -0.39
C PHE B 110 -1.39 12.42 -1.45
N ILE B 111 -2.68 12.61 -1.18
CA ILE B 111 -3.57 13.38 -2.05
C ILE B 111 -4.28 14.41 -1.18
N MET B 112 -4.07 15.68 -1.47
CA MET B 112 -4.69 16.77 -0.73
C MET B 112 -5.72 17.49 -1.59
N THR B 113 -6.78 17.96 -0.93
CA THR B 113 -7.81 18.76 -1.57
C THR B 113 -8.01 20.04 -0.75
N THR B 114 -8.03 21.17 -1.43
CA THR B 114 -8.15 22.47 -0.78
C THR B 114 -9.51 23.08 -1.07
N ASN B 115 -9.79 24.19 -0.39
CA ASN B 115 -10.99 24.96 -0.66
C ASN B 115 -10.84 25.74 -1.97
N ASP B 116 -11.90 26.45 -2.35
CA ASP B 116 -11.88 27.21 -3.59
C ASP B 116 -10.81 28.29 -3.55
N GLU B 117 -10.54 28.87 -2.37
CA GLU B 117 -9.50 29.87 -2.23
C GLU B 117 -8.10 29.28 -2.22
N GLY B 118 -7.96 27.97 -1.99
CA GLY B 118 -6.67 27.35 -1.91
C GLY B 118 -5.87 27.70 -0.67
N THR B 119 -6.55 28.06 0.42
CA THR B 119 -5.89 28.47 1.66
C THR B 119 -6.06 27.48 2.79
N LEU B 120 -6.99 26.53 2.69
CA LEU B 120 -7.25 25.57 3.75
C LEU B 120 -7.41 24.18 3.16
N LEU B 121 -7.09 23.17 3.95
CA LEU B 121 -7.21 21.77 3.54
C LEU B 121 -8.62 21.26 3.80
N LYS B 122 -9.25 20.72 2.76
CA LYS B 122 -10.59 20.15 2.85
C LYS B 122 -10.58 18.64 2.99
N GLU B 123 -9.58 17.96 2.42
CA GLU B 123 -9.52 16.51 2.45
C GLU B 123 -8.08 16.07 2.30
N VAL B 124 -7.68 15.07 3.09
CA VAL B 124 -6.36 14.47 3.01
C VAL B 124 -6.55 12.96 2.88
N ALA B 125 -6.04 12.38 1.80
CA ALA B 125 -6.11 10.95 1.55
C ALA B 125 -4.70 10.39 1.41
N GLU B 126 -4.42 9.30 2.12
CA GLU B 126 -3.10 8.70 2.13
C GLU B 126 -3.21 7.20 1.91
N TYR B 127 -2.47 6.69 0.93
CA TYR B 127 -2.33 5.26 0.69
C TYR B 127 -1.09 4.76 1.42
N VAL B 128 -1.26 3.74 2.26
CA VAL B 128 -0.21 3.31 3.17
C VAL B 128 0.28 1.91 2.80
N ASP B 129 1.44 1.55 3.35
CA ASP B 129 2.02 0.22 3.21
C ASP B 129 1.25 -0.73 4.13
N THR B 130 0.32 -1.50 3.56
CA THR B 130 -0.56 -2.32 4.38
C THR B 130 0.20 -3.42 5.11
N ALA B 131 1.20 -4.01 4.45
CA ALA B 131 1.97 -5.08 5.09
C ALA B 131 2.77 -4.57 6.28
N ALA B 132 3.23 -3.32 6.23
CA ALA B 132 4.01 -2.77 7.33
C ALA B 132 3.15 -2.18 8.43
N GLU B 133 1.99 -1.59 8.09
CA GLU B 133 1.13 -1.02 9.11
C GLU B 133 0.46 -2.10 9.94
N LYS B 134 0.04 -3.20 9.32
CA LYS B 134 -0.53 -4.31 10.07
C LYS B 134 0.53 -4.99 10.93
N LYS B 135 1.81 -4.89 10.52
CA LYS B 135 2.89 -5.40 11.36
C LYS B 135 3.15 -4.48 12.55
N PHE B 136 2.98 -3.17 12.36
CA PHE B 136 3.22 -2.23 13.44
C PHE B 136 2.11 -2.29 14.49
N ALA B 137 0.87 -2.47 14.06
CA ALA B 137 -0.23 -2.57 15.01
C ALA B 137 -0.19 -3.88 15.79
N ALA B 138 0.32 -4.94 15.18
CA ALA B 138 0.42 -6.24 15.85
C ALA B 138 1.74 -6.37 16.60
N ALA C 1 28.41 -24.03 17.93
CA ALA C 1 29.71 -23.46 18.28
C ALA C 1 30.63 -23.42 17.07
N LEU C 2 31.16 -22.23 16.79
CA LEU C 2 32.08 -22.03 15.67
C LEU C 2 33.50 -21.81 16.19
N PRO C 3 34.52 -22.14 15.40
CA PRO C 3 35.89 -21.73 15.74
C PRO C 3 35.98 -20.22 15.78
N LEU C 4 36.92 -19.72 16.61
CA LEU C 4 37.03 -18.28 16.80
C LEU C 4 37.39 -17.57 15.50
N ARG C 5 38.16 -18.20 14.64
CA ARG C 5 38.55 -17.57 13.38
C ARG C 5 37.34 -17.36 12.48
N GLU C 6 36.50 -18.39 12.33
CA GLU C 6 35.32 -18.26 11.49
C GLU C 6 34.24 -17.40 12.16
N ARG C 7 34.15 -17.45 13.49
CA ARG C 7 33.18 -16.64 14.20
C ARG C 7 33.48 -15.16 14.04
N LEU C 8 34.76 -14.78 14.07
CA LEU C 8 35.13 -13.39 13.87
C LEU C 8 34.86 -12.92 12.45
N ILE C 9 35.00 -13.82 11.46
CA ILE C 9 34.75 -13.45 10.08
C ILE C 9 33.25 -13.23 9.84
N GLN C 10 32.41 -14.11 10.40
CA GLN C 10 30.98 -13.98 10.19
C GLN C 10 30.42 -12.74 10.89
N THR C 11 30.90 -12.44 12.10
CA THR C 11 30.48 -11.23 12.78
C THR C 11 30.92 -9.98 12.03
N ALA C 12 32.14 -10.00 11.48
CA ALA C 12 32.62 -8.87 10.70
C ALA C 12 31.91 -8.77 9.35
N ASP C 13 31.51 -9.90 8.77
CA ASP C 13 30.80 -9.88 7.50
C ASP C 13 29.37 -9.40 7.64
N HIS C 14 28.78 -9.49 8.84
CA HIS C 14 27.42 -9.02 9.03
C HIS C 14 27.27 -7.53 8.79
N TYR C 15 28.36 -6.76 8.94
CA TYR C 15 28.31 -5.33 8.66
C TYR C 15 27.91 -5.06 7.22
N PHE C 16 28.51 -5.80 6.28
CA PHE C 16 28.17 -5.62 4.87
C PHE C 16 26.80 -6.19 4.54
N ARG C 17 26.39 -7.26 5.24
CA ARG C 17 25.06 -7.81 5.01
C ARG C 17 23.99 -6.86 5.54
N ASN C 18 24.27 -6.18 6.66
CA ASN C 18 23.31 -5.22 7.20
C ASN C 18 23.15 -4.01 6.30
N MET C 19 24.21 -3.63 5.59
CA MET C 19 24.11 -2.50 4.66
C MET C 19 23.35 -2.87 3.39
N GLU C 20 23.42 -4.15 2.98
CA GLU C 20 22.71 -4.58 1.78
C GLU C 20 21.21 -4.67 2.03
N SER C 21 20.81 -5.09 3.23
CA SER C 21 19.40 -5.21 3.60
C SER C 21 19.02 -4.17 4.64
N PHE C 22 19.53 -2.94 4.48
CA PHE C 22 19.32 -1.91 5.48
C PHE C 22 17.88 -1.41 5.46
N ASP C 23 17.26 -1.32 6.64
CA ASP C 23 15.91 -0.81 6.80
C ASP C 23 15.87 0.02 8.07
N LEU C 24 15.29 1.22 7.98
CA LEU C 24 15.28 2.13 9.12
C LEU C 24 14.56 1.53 10.32
N GLU C 25 13.51 0.73 10.07
CA GLU C 25 12.81 0.10 11.19
C GLU C 25 13.68 -0.95 11.86
N THR C 26 14.50 -1.67 11.07
CA THR C 26 15.42 -2.65 11.65
C THR C 26 16.64 -1.98 12.25
N GLY C 27 17.25 -1.07 11.49
CA GLY C 27 18.42 -0.34 11.98
C GLY C 27 19.69 -1.16 11.90
N LEU C 28 20.70 -0.70 12.63
CA LEU C 28 21.99 -1.36 12.67
C LEU C 28 21.94 -2.57 13.59
N THR C 29 22.50 -3.68 13.13
CA THR C 29 22.50 -4.93 13.86
C THR C 29 23.91 -5.48 13.98
N GLY C 30 24.10 -6.37 14.94
CA GLY C 30 25.39 -7.00 15.14
C GLY C 30 26.45 -6.12 15.74
N ARG C 31 26.05 -5.02 16.38
CA ARG C 31 26.99 -4.09 16.97
C ARG C 31 26.67 -3.89 18.45
N THR C 32 27.70 -3.53 19.22
CA THR C 32 27.50 -3.19 20.61
C THR C 32 26.84 -1.81 20.73
N ALA C 33 26.35 -1.52 21.94
CA ALA C 33 25.70 -0.23 22.18
C ALA C 33 26.68 0.94 22.09
N ASP C 34 27.98 0.68 22.24
CA ASP C 34 29.00 1.71 22.18
C ASP C 34 29.88 1.58 20.94
N CYS C 35 29.33 1.03 19.86
CA CYS C 35 30.11 0.85 18.64
C CYS C 35 30.43 2.19 17.99
N ILE C 36 31.61 2.27 17.39
CA ILE C 36 32.12 3.50 16.78
C ILE C 36 32.55 3.20 15.36
N LEU C 37 32.17 4.08 14.43
CA LEU C 37 32.62 4.01 13.04
C LEU C 37 33.69 5.06 12.81
N LYS C 38 34.84 4.64 12.30
CA LYS C 38 35.95 5.53 11.99
C LYS C 38 36.15 5.60 10.48
N VAL C 39 36.43 6.81 9.99
CA VAL C 39 36.66 7.05 8.57
C VAL C 39 38.10 7.54 8.41
N LEU C 40 38.91 6.75 7.69
CA LEU C 40 40.31 7.05 7.44
C LEU C 40 40.52 7.49 5.99
N PRO C 41 41.51 8.35 5.72
CA PRO C 41 42.47 8.96 6.66
C PRO C 41 41.90 10.18 7.36
N ALA C 42 42.57 10.66 8.40
CA ALA C 42 42.10 11.84 9.13
C ALA C 42 42.12 13.09 8.28
N SER C 43 42.86 13.09 7.17
CA SER C 43 42.86 14.24 6.27
C SER C 43 41.51 14.42 5.56
N PHE C 44 40.69 13.36 5.51
CA PHE C 44 39.40 13.47 4.86
C PHE C 44 38.43 14.33 5.67
N GLY C 45 38.63 14.42 6.98
CA GLY C 45 37.87 15.33 7.82
C GLY C 45 36.57 14.80 8.37
N MET C 46 36.35 13.49 8.33
CA MET C 46 35.11 12.92 8.86
C MET C 46 35.35 12.46 10.30
N PRO C 47 34.65 13.02 11.28
CA PRO C 47 34.83 12.59 12.67
C PRO C 47 34.19 11.23 12.93
N ASP C 48 34.60 10.64 14.04
CA ASP C 48 34.03 9.35 14.46
C ASP C 48 32.56 9.51 14.80
N ARG C 49 31.80 8.43 14.60
CA ARG C 49 30.35 8.47 14.77
C ARG C 49 29.88 7.27 15.57
N THR C 50 28.90 7.51 16.45
CA THR C 50 28.31 6.46 17.27
C THR C 50 27.23 5.73 16.48
N ASN C 51 26.53 4.81 17.16
CA ASN C 51 25.46 4.07 16.51
C ASN C 51 24.28 4.97 16.17
N GLU C 52 24.07 6.03 16.94
CA GLU C 52 22.99 6.97 16.67
C GLU C 52 23.40 8.07 15.70
N GLU C 53 24.68 8.46 15.69
CA GLU C 53 25.13 9.47 14.74
C GLU C 53 25.18 8.93 13.32
N CYS C 54 25.48 7.63 13.17
CA CYS C 54 25.46 7.02 11.84
C CYS C 54 24.03 6.93 11.33
N MET C 55 23.07 6.60 12.21
CA MET C 55 21.69 6.48 11.79
C MET C 55 21.14 7.83 11.32
N ALA C 56 21.53 8.92 11.98
CA ALA C 56 21.07 10.24 11.58
C ALA C 56 21.61 10.59 10.20
N ALA C 57 22.85 10.17 9.90
CA ALA C 57 23.39 10.38 8.56
C ALA C 57 22.62 9.58 7.52
N HIS C 58 22.24 8.34 7.87
CA HIS C 58 21.42 7.54 6.96
C HIS C 58 20.10 8.23 6.67
N ILE C 59 19.46 8.80 7.70
CA ILE C 59 18.16 9.45 7.52
C ILE C 59 18.30 10.70 6.65
N ALA C 60 19.37 11.48 6.87
CA ALA C 60 19.54 12.71 6.12
C ALA C 60 19.86 12.45 4.64
N THR C 61 20.53 11.33 4.35
CA THR C 61 20.85 11.03 2.95
C THR C 61 19.61 10.63 2.16
N ARG C 62 18.65 9.97 2.82
CA ARG C 62 17.45 9.50 2.12
C ARG C 62 16.63 10.67 1.59
N ALA C 63 16.62 11.80 2.31
CA ALA C 63 15.88 12.97 1.85
C ALA C 63 16.63 13.70 0.74
N ASP C 64 17.95 13.64 0.74
CA ASP C 64 18.74 14.31 -0.29
C ASP C 64 18.76 13.52 -1.59
N MET C 65 18.93 12.20 -1.50
CA MET C 65 19.05 11.37 -2.69
C MET C 65 18.54 9.97 -2.37
N THR C 66 18.23 9.22 -3.43
CA THR C 66 17.79 7.84 -3.31
C THR C 66 18.97 6.91 -3.55
N MET C 67 19.18 5.97 -2.62
CA MET C 67 20.22 4.96 -2.75
C MET C 67 19.57 3.59 -2.87
N LYS C 68 19.94 2.86 -3.92
CA LYS C 68 19.38 1.55 -4.23
C LYS C 68 20.49 0.59 -4.62
N ASN C 69 20.23 -0.70 -4.43
CA ASN C 69 21.11 -1.78 -4.90
C ASN C 69 22.52 -1.64 -4.33
N PHE C 70 22.59 -1.60 -3.00
CA PHE C 70 23.88 -1.66 -2.33
C PHE C 70 24.48 -3.05 -2.47
N LYS C 71 25.75 -3.12 -2.83
CA LYS C 71 26.44 -4.39 -3.00
C LYS C 71 27.86 -4.27 -2.47
N ALA C 72 28.27 -5.24 -1.67
CA ALA C 72 29.61 -5.28 -1.11
C ALA C 72 30.21 -6.66 -1.35
N TRP C 73 31.42 -6.70 -1.86
CA TRP C 73 32.10 -7.96 -2.13
C TRP C 73 33.60 -7.78 -1.96
N ARG C 74 34.27 -8.86 -1.59
CA ARG C 74 35.71 -8.83 -1.42
C ARG C 74 36.40 -8.79 -2.79
N VAL C 75 37.55 -8.12 -2.82
CA VAL C 75 38.34 -8.10 -4.07
C VAL C 75 38.78 -9.51 -4.39
N PRO C 76 38.55 -10.00 -5.61
CA PRO C 76 38.91 -11.39 -5.93
C PRO C 76 40.40 -11.66 -5.73
N GLY C 77 40.70 -12.74 -5.03
CA GLY C 77 42.05 -13.11 -4.69
C GLY C 77 42.46 -12.78 -3.27
N SER C 78 41.74 -11.89 -2.61
CA SER C 78 42.09 -11.49 -1.25
C SER C 78 41.49 -12.47 -0.23
N ILE C 79 42.15 -12.56 0.92
CA ILE C 79 41.74 -13.46 1.99
C ILE C 79 41.53 -12.63 3.25
N PRO C 80 40.48 -12.88 4.03
CA PRO C 80 40.29 -12.14 5.29
C PRO C 80 41.47 -12.35 6.23
N ILE C 81 42.01 -11.23 6.72
CA ILE C 81 43.10 -11.25 7.69
C ILE C 81 42.50 -11.20 9.09
N VAL C 82 42.77 -12.22 9.89
CA VAL C 82 42.16 -12.38 11.21
C VAL C 82 43.25 -12.43 12.26
N ASP C 83 43.13 -11.57 13.27
CA ASP C 83 44.00 -11.59 14.45
C ASP C 83 43.11 -11.94 15.64
N GLU C 84 43.13 -13.23 16.03
CA GLU C 84 42.22 -13.69 17.07
C GLU C 84 42.54 -13.05 18.43
N ALA C 85 43.82 -12.85 18.72
CA ALA C 85 44.21 -12.27 20.01
C ALA C 85 43.71 -10.85 20.16
N ASN C 86 43.77 -10.06 19.07
CA ASN C 86 43.27 -8.69 19.08
C ASN C 86 41.81 -8.58 18.66
N ARG C 87 41.17 -9.70 18.29
CA ARG C 87 39.77 -9.71 17.89
C ARG C 87 39.53 -8.79 16.69
N LYS C 88 40.42 -8.84 15.70
CA LYS C 88 40.37 -7.94 14.57
C LYS C 88 40.33 -8.70 13.26
N VAL C 89 39.58 -8.18 12.30
CA VAL C 89 39.46 -8.74 10.97
C VAL C 89 39.68 -7.63 9.95
N VAL C 90 40.52 -7.88 8.95
CA VAL C 90 40.85 -6.90 7.91
C VAL C 90 40.30 -7.39 6.59
N PHE C 91 39.61 -6.52 5.87
CA PHE C 91 39.02 -6.84 4.58
C PHE C 91 39.52 -5.87 3.51
N HIS C 92 39.61 -6.37 2.28
CA HIS C 92 39.86 -5.55 1.10
C HIS C 92 38.58 -5.59 0.27
N MET C 93 37.83 -4.49 0.29
CA MET C 93 36.45 -4.50 -0.17
C MET C 93 36.20 -3.53 -1.31
N GLU C 94 35.20 -3.84 -2.11
CA GLU C 94 34.59 -2.92 -3.06
C GLU C 94 33.13 -2.74 -2.67
N ILE C 95 32.63 -1.51 -2.84
CA ILE C 95 31.27 -1.18 -2.46
C ILE C 95 30.58 -0.50 -3.64
N TYR C 96 29.41 -1.01 -4.01
CA TYR C 96 28.63 -0.50 -5.13
C TYR C 96 27.26 -0.05 -4.65
N ALA C 97 26.83 1.12 -5.12
CA ALA C 97 25.51 1.65 -4.79
C ALA C 97 25.01 2.49 -5.96
N GLU C 98 23.69 2.59 -6.07
CA GLU C 98 23.04 3.33 -7.16
C GLU C 98 22.35 4.55 -6.59
N MET C 99 22.75 5.72 -7.07
CA MET C 99 22.08 6.97 -6.73
C MET C 99 21.24 7.42 -7.92
N GLY C 100 20.40 8.43 -7.69
CA GLY C 100 19.54 8.92 -8.75
C GLY C 100 20.32 9.48 -9.92
N ASP C 101 21.43 10.15 -9.66
CA ASP C 101 22.24 10.72 -10.73
C ASP C 101 23.07 9.66 -11.43
N GLY C 102 23.55 8.66 -10.70
CA GLY C 102 24.35 7.62 -11.30
C GLY C 102 24.81 6.52 -10.35
N VAL C 103 25.97 5.95 -10.67
CA VAL C 103 26.51 4.78 -9.98
C VAL C 103 27.59 5.22 -9.01
N TYR C 104 27.58 4.62 -7.82
CA TYR C 104 28.65 4.80 -6.84
C TYR C 104 29.44 3.50 -6.72
N HIS C 105 30.76 3.61 -6.79
CA HIS C 105 31.63 2.43 -6.67
C HIS C 105 33.02 2.88 -6.26
N ASN C 106 33.58 2.22 -5.26
CA ASN C 106 34.92 2.55 -4.76
C ASN C 106 35.54 1.33 -4.12
N GLU C 107 36.82 1.46 -3.78
CA GLU C 107 37.62 0.40 -3.18
C GLU C 107 38.04 0.81 -1.77
N PHE C 108 37.89 -0.10 -0.82
CA PHE C 108 38.08 0.22 0.59
C PHE C 108 38.96 -0.82 1.28
N ILE C 109 39.41 -0.46 2.48
CA ILE C 109 40.02 -1.38 3.42
C ILE C 109 39.26 -1.25 4.74
N PHE C 110 38.65 -2.34 5.18
CA PHE C 110 37.84 -2.35 6.39
C PHE C 110 38.57 -3.08 7.50
N ILE C 111 38.55 -2.50 8.69
CA ILE C 111 39.16 -3.10 9.89
C ILE C 111 38.08 -3.16 10.96
N MET C 112 37.69 -4.38 11.33
CA MET C 112 36.64 -4.60 12.32
C MET C 112 37.24 -5.09 13.62
N THR C 113 36.64 -4.65 14.73
CA THR C 113 37.00 -5.12 16.06
C THR C 113 35.73 -5.55 16.78
N THR C 114 35.74 -6.75 17.34
CA THR C 114 34.58 -7.32 18.00
C THR C 114 34.79 -7.32 19.51
N ASN C 115 33.76 -7.77 20.24
CA ASN C 115 33.87 -7.92 21.68
C ASN C 115 34.71 -9.14 22.00
N ASP C 116 34.86 -9.43 23.30
CA ASP C 116 35.69 -10.54 23.73
C ASP C 116 35.14 -11.88 23.25
N GLU C 117 33.81 -11.99 23.14
CA GLU C 117 33.18 -13.21 22.67
C GLU C 117 33.17 -13.32 21.14
N GLY C 118 33.50 -12.24 20.43
CA GLY C 118 33.46 -12.27 18.98
C GLY C 118 32.08 -12.37 18.39
N THR C 119 31.07 -11.81 19.07
CA THR C 119 29.69 -11.90 18.63
C THR C 119 29.11 -10.58 18.15
N LEU C 120 29.64 -9.45 18.60
CA LEU C 120 29.14 -8.13 18.21
C LEU C 120 30.32 -7.24 17.82
N LEU C 121 30.06 -6.34 16.87
CA LEU C 121 31.09 -5.43 16.39
C LEU C 121 31.25 -4.27 17.36
N LYS C 122 32.47 -4.08 17.87
CA LYS C 122 32.79 -2.98 18.76
C LYS C 122 33.32 -1.76 18.02
N GLU C 123 34.08 -1.97 16.95
CA GLU C 123 34.65 -0.87 16.18
C GLU C 123 34.69 -1.25 14.72
N VAL C 124 34.37 -0.29 13.85
CA VAL C 124 34.45 -0.45 12.41
C VAL C 124 35.27 0.71 11.86
N ALA C 125 36.38 0.40 11.19
CA ALA C 125 37.25 1.40 10.58
C ALA C 125 37.34 1.15 9.08
N GLU C 126 37.37 2.22 8.30
CA GLU C 126 37.43 2.13 6.86
C GLU C 126 38.34 3.21 6.30
N TYR C 127 39.24 2.82 5.40
CA TYR C 127 40.07 3.75 4.65
C TYR C 127 39.44 3.93 3.27
N VAL C 128 39.17 5.18 2.89
CA VAL C 128 38.38 5.48 1.71
C VAL C 128 39.27 6.14 0.65
N ASP C 129 38.70 6.31 -0.55
CA ASP C 129 39.37 6.95 -1.67
C ASP C 129 39.08 8.44 -1.58
N THR C 130 40.02 9.21 -1.02
CA THR C 130 39.77 10.62 -0.75
C THR C 130 39.53 11.41 -2.03
N ALA C 131 40.23 11.06 -3.12
CA ALA C 131 40.03 11.77 -4.37
C ALA C 131 38.63 11.54 -4.93
N ALA C 132 38.12 10.32 -4.81
CA ALA C 132 36.78 10.02 -5.32
C ALA C 132 35.69 10.49 -4.37
N GLU C 133 35.93 10.38 -3.06
CA GLU C 133 34.92 10.78 -2.09
C GLU C 133 34.76 12.30 -2.04
N LYS C 134 35.87 13.03 -2.15
CA LYS C 134 35.78 14.48 -2.19
C LYS C 134 35.09 14.97 -3.46
N LYS C 135 35.30 14.28 -4.57
CA LYS C 135 34.60 14.64 -5.81
C LYS C 135 33.12 14.32 -5.72
N PHE C 136 32.76 13.24 -5.03
CA PHE C 136 31.35 12.89 -4.88
C PHE C 136 30.63 13.89 -3.98
N ALA C 137 31.26 14.29 -2.88
CA ALA C 137 30.64 15.24 -1.97
C ALA C 137 30.47 16.61 -2.63
N ALA C 138 31.43 17.03 -3.44
CA ALA C 138 31.36 18.31 -4.12
C ALA C 138 30.56 18.20 -5.41
N ALA D 1 -19.67 -30.24 17.39
CA ALA D 1 -21.01 -30.74 17.09
C ALA D 1 -22.06 -29.92 17.83
N LEU D 2 -22.96 -29.30 17.07
CA LEU D 2 -24.04 -28.50 17.60
C LEU D 2 -25.37 -29.21 17.43
N PRO D 3 -26.38 -28.89 18.25
CA PRO D 3 -27.74 -29.35 17.95
C PRO D 3 -28.18 -28.82 16.59
N LEU D 4 -29.03 -29.61 15.92
CA LEU D 4 -29.39 -29.28 14.54
C LEU D 4 -30.06 -27.91 14.45
N ARG D 5 -30.91 -27.58 15.42
CA ARG D 5 -31.57 -26.27 15.41
C ARG D 5 -30.55 -25.15 15.48
N GLU D 6 -29.55 -25.28 16.35
CA GLU D 6 -28.51 -24.26 16.43
C GLU D 6 -27.61 -24.26 15.20
N ARG D 7 -27.31 -25.46 14.67
CA ARG D 7 -26.47 -25.53 13.48
C ARG D 7 -27.16 -24.92 12.27
N LEU D 8 -28.48 -25.13 12.13
CA LEU D 8 -29.21 -24.52 11.03
C LEU D 8 -29.22 -23.01 11.15
N ILE D 9 -29.33 -22.49 12.37
CA ILE D 9 -29.33 -21.04 12.58
C ILE D 9 -27.97 -20.45 12.24
N GLN D 10 -26.88 -21.09 12.70
CA GLN D 10 -25.55 -20.56 12.43
C GLN D 10 -25.21 -20.66 10.95
N THR D 11 -25.64 -21.73 10.28
CA THR D 11 -25.43 -21.83 8.85
C THR D 11 -26.19 -20.76 8.09
N ALA D 12 -27.43 -20.48 8.51
CA ALA D 12 -28.23 -19.44 7.86
C ALA D 12 -27.75 -18.05 8.23
N ASP D 13 -27.31 -17.86 9.49
CA ASP D 13 -26.80 -16.56 9.91
C ASP D 13 -25.48 -16.21 9.23
N HIS D 14 -24.72 -17.21 8.78
CA HIS D 14 -23.46 -16.94 8.09
C HIS D 14 -23.66 -16.16 6.81
N TYR D 15 -24.84 -16.24 6.20
CA TYR D 15 -25.13 -15.46 5.01
C TYR D 15 -24.96 -13.97 5.29
N PHE D 16 -25.51 -13.49 6.41
CA PHE D 16 -25.38 -12.08 6.74
C PHE D 16 -23.97 -11.74 7.22
N ARG D 17 -23.30 -12.69 7.89
CA ARG D 17 -21.92 -12.46 8.27
C ARG D 17 -21.01 -12.37 7.05
N ASN D 18 -21.33 -13.10 5.99
CA ASN D 18 -20.54 -13.04 4.77
C ASN D 18 -20.79 -11.74 4.00
N MET D 19 -21.97 -11.14 4.18
CA MET D 19 -22.26 -9.88 3.50
C MET D 19 -21.62 -8.70 4.21
N GLU D 20 -21.55 -8.74 5.54
CA GLU D 20 -20.99 -7.62 6.30
C GLU D 20 -19.51 -7.44 6.01
N SER D 21 -18.77 -8.55 5.91
CA SER D 21 -17.34 -8.53 5.61
C SER D 21 -17.06 -9.09 4.23
N PHE D 22 -17.87 -8.71 3.24
CA PHE D 22 -17.74 -9.26 1.91
C PHE D 22 -16.45 -8.77 1.23
N ASP D 23 -15.81 -9.67 0.50
CA ASP D 23 -14.59 -9.37 -0.22
C ASP D 23 -14.53 -10.24 -1.47
N LEU D 24 -14.23 -9.62 -2.61
CA LEU D 24 -14.21 -10.36 -3.87
C LEU D 24 -13.15 -11.46 -3.88
N GLU D 25 -12.05 -11.26 -3.15
CA GLU D 25 -11.00 -12.27 -3.10
C GLU D 25 -11.41 -13.51 -2.31
N THR D 26 -12.42 -13.39 -1.44
CA THR D 26 -12.94 -14.52 -0.69
C THR D 26 -14.20 -15.11 -1.31
N GLY D 27 -15.13 -14.27 -1.77
CA GLY D 27 -16.32 -14.75 -2.43
C GLY D 27 -17.45 -15.09 -1.47
N LEU D 28 -18.38 -15.90 -1.97
CA LEU D 28 -19.50 -16.37 -1.17
C LEU D 28 -19.13 -17.66 -0.47
N THR D 29 -19.11 -17.64 0.86
CA THR D 29 -18.77 -18.80 1.66
C THR D 29 -20.03 -19.35 2.34
N GLY D 30 -19.94 -20.62 2.74
CA GLY D 30 -21.05 -21.25 3.42
C GLY D 30 -22.20 -21.66 2.52
N ARG D 31 -21.94 -21.80 1.22
CA ARG D 31 -22.96 -22.19 0.26
C ARG D 31 -22.51 -23.45 -0.49
N THR D 32 -23.49 -24.21 -0.97
CA THR D 32 -23.19 -25.32 -1.85
C THR D 32 -22.79 -24.79 -3.23
N ALA D 33 -22.26 -25.70 -4.05
CA ALA D 33 -21.85 -25.32 -5.41
C ALA D 33 -23.03 -24.92 -6.28
N ASP D 34 -24.23 -25.42 -5.98
CA ASP D 34 -25.41 -25.12 -6.77
C ASP D 34 -26.44 -24.29 -5.99
N CYS D 35 -25.96 -23.45 -5.07
CA CYS D 35 -26.86 -22.62 -4.29
C CYS D 35 -27.53 -21.57 -5.18
N ILE D 36 -28.82 -21.34 -4.93
CA ILE D 36 -29.64 -20.45 -5.75
C ILE D 36 -30.20 -19.35 -4.86
N LEU D 37 -30.13 -18.11 -5.33
CA LEU D 37 -30.74 -16.97 -4.67
C LEU D 37 -32.03 -16.59 -5.39
N LYS D 38 -33.11 -16.42 -4.63
CA LYS D 38 -34.39 -16.02 -5.18
C LYS D 38 -34.83 -14.70 -4.55
N VAL D 39 -35.37 -13.82 -5.38
CA VAL D 39 -35.86 -12.51 -4.94
C VAL D 39 -37.37 -12.49 -5.14
N LEU D 40 -38.11 -12.44 -4.02
CA LEU D 40 -39.56 -12.41 -4.00
C LEU D 40 -40.07 -10.98 -3.87
N PRO D 41 -41.24 -10.66 -4.46
CA PRO D 41 -42.12 -11.54 -5.24
C PRO D 41 -41.71 -11.62 -6.71
N ALA D 42 -42.39 -12.44 -7.50
CA ALA D 42 -42.08 -12.54 -8.92
C ALA D 42 -42.46 -11.29 -9.70
N SER D 43 -43.38 -10.47 -9.16
CA SER D 43 -43.76 -9.24 -9.85
C SER D 43 -42.64 -8.22 -9.87
N PHE D 44 -41.62 -8.37 -9.03
CA PHE D 44 -40.49 -7.45 -9.03
C PHE D 44 -39.65 -7.60 -10.28
N GLY D 45 -39.59 -8.79 -10.86
CA GLY D 45 -38.89 -9.01 -12.10
C GLY D 45 -37.44 -9.37 -11.98
N MET D 46 -37.05 -10.04 -10.90
CA MET D 46 -35.65 -10.44 -10.71
C MET D 46 -35.53 -11.95 -10.85
N PRO D 47 -34.86 -12.45 -11.89
CA PRO D 47 -34.74 -13.90 -12.07
C PRO D 47 -33.79 -14.51 -11.04
N ASP D 48 -33.95 -15.82 -10.86
CA ASP D 48 -33.08 -16.55 -9.94
C ASP D 48 -31.64 -16.50 -10.43
N ARG D 49 -30.70 -16.47 -9.48
CA ARG D 49 -29.29 -16.31 -9.78
C ARG D 49 -28.47 -17.33 -9.03
N THR D 50 -27.43 -17.86 -9.70
CA THR D 50 -26.53 -18.83 -9.11
C THR D 50 -25.44 -18.13 -8.31
N ASN D 51 -24.49 -18.92 -7.80
CA ASN D 51 -23.38 -18.36 -7.02
C ASN D 51 -22.48 -17.47 -7.89
N GLU D 52 -22.45 -17.73 -9.19
CA GLU D 52 -21.62 -16.98 -10.12
C GLU D 52 -22.34 -15.73 -10.65
N GLU D 53 -23.66 -15.80 -10.81
CA GLU D 53 -24.42 -14.64 -11.26
C GLU D 53 -24.56 -13.61 -10.14
N CYS D 54 -24.66 -14.06 -8.89
CA CYS D 54 -24.71 -13.12 -7.77
C CYS D 54 -23.38 -12.40 -7.60
N MET D 55 -22.27 -13.12 -7.79
CA MET D 55 -20.96 -12.49 -7.72
C MET D 55 -20.77 -11.44 -8.80
N ALA D 56 -21.35 -11.66 -9.99
CA ALA D 56 -21.21 -10.68 -11.06
C ALA D 56 -21.97 -9.40 -10.73
N ALA D 57 -23.13 -9.53 -10.07
CA ALA D 57 -23.89 -8.35 -9.67
C ALA D 57 -23.11 -7.52 -8.67
N HIS D 58 -22.42 -8.17 -7.73
CA HIS D 58 -21.54 -7.46 -6.82
C HIS D 58 -20.45 -6.71 -7.59
N ILE D 59 -19.88 -7.36 -8.61
CA ILE D 59 -18.82 -6.74 -9.40
C ILE D 59 -19.38 -5.59 -10.22
N ALA D 60 -20.60 -5.75 -10.75
CA ALA D 60 -21.20 -4.70 -11.56
C ALA D 60 -21.54 -3.48 -10.71
N THR D 61 -21.99 -3.69 -9.48
CA THR D 61 -22.35 -2.57 -8.62
C THR D 61 -21.13 -1.82 -8.09
N ARG D 62 -19.96 -2.46 -8.07
CA ARG D 62 -18.76 -1.79 -7.56
C ARG D 62 -18.28 -0.70 -8.50
N ALA D 63 -18.58 -0.82 -9.80
CA ALA D 63 -18.13 0.16 -10.77
C ALA D 63 -19.03 1.39 -10.86
N ASP D 64 -20.25 1.30 -10.33
CA ASP D 64 -21.20 2.41 -10.39
C ASP D 64 -21.33 3.13 -9.06
N MET D 65 -21.36 2.40 -7.94
CA MET D 65 -21.50 3.01 -6.63
C MET D 65 -20.51 2.38 -5.67
N THR D 66 -20.34 3.02 -4.52
CA THR D 66 -19.51 2.51 -3.43
C THR D 66 -20.41 2.03 -2.30
N MET D 67 -20.21 0.79 -1.87
CA MET D 67 -20.99 0.20 -0.78
C MET D 67 -20.11 0.13 0.46
N LYS D 68 -20.58 0.71 1.56
CA LYS D 68 -19.81 0.79 2.79
C LYS D 68 -20.70 0.50 3.98
N ASN D 69 -20.14 -0.20 4.97
CA ASN D 69 -20.79 -0.45 6.26
C ASN D 69 -22.10 -1.21 6.09
N PHE D 70 -22.00 -2.41 5.51
CA PHE D 70 -23.14 -3.30 5.40
C PHE D 70 -23.44 -3.91 6.76
N LYS D 71 -24.66 -3.72 7.25
CA LYS D 71 -25.07 -4.21 8.56
C LYS D 71 -26.44 -4.86 8.44
N ALA D 72 -26.60 -6.01 9.10
CA ALA D 72 -27.86 -6.73 9.11
C ALA D 72 -28.16 -7.20 10.53
N TRP D 73 -29.42 -7.08 10.94
CA TRP D 73 -29.83 -7.48 12.28
C TRP D 73 -31.27 -7.96 12.25
N ARG D 74 -31.57 -8.93 13.10
CA ARG D 74 -32.94 -9.40 13.24
C ARG D 74 -33.81 -8.30 13.81
N VAL D 75 -35.05 -8.23 13.32
CA VAL D 75 -35.99 -7.24 13.86
C VAL D 75 -36.22 -7.54 15.34
N PRO D 76 -36.10 -6.55 16.23
CA PRO D 76 -36.22 -6.82 17.67
C PRO D 76 -37.55 -7.49 18.00
N GLY D 77 -37.47 -8.53 18.84
CA GLY D 77 -38.62 -9.31 19.21
C GLY D 77 -38.85 -10.54 18.37
N SER D 78 -38.22 -10.64 17.21
CA SER D 78 -38.42 -11.79 16.34
C SER D 78 -37.50 -12.94 16.76
N ILE D 79 -37.97 -14.16 16.53
CA ILE D 79 -37.23 -15.37 16.87
C ILE D 79 -37.05 -16.21 15.60
N PRO D 80 -35.87 -16.76 15.36
CA PRO D 80 -35.67 -17.58 14.14
C PRO D 80 -36.62 -18.76 14.09
N ILE D 81 -37.44 -18.80 13.04
CA ILE D 81 -38.33 -19.92 12.80
C ILE D 81 -37.54 -21.03 12.12
N VAL D 82 -37.43 -22.18 12.79
CA VAL D 82 -36.60 -23.29 12.34
C VAL D 82 -37.47 -24.51 12.13
N ASP D 83 -37.36 -25.12 10.95
CA ASP D 83 -38.02 -26.39 10.63
C ASP D 83 -36.91 -27.38 10.30
N GLU D 84 -36.56 -28.22 11.27
CA GLU D 84 -35.44 -29.14 11.09
C GLU D 84 -35.72 -30.19 10.02
N ALA D 85 -36.97 -30.63 9.89
CA ALA D 85 -37.31 -31.66 8.93
C ALA D 85 -37.09 -31.17 7.50
N ASN D 86 -37.42 -29.91 7.22
CA ASN D 86 -37.24 -29.34 5.89
C ASN D 86 -35.92 -28.60 5.75
N ARG D 87 -35.09 -28.57 6.80
CA ARG D 87 -33.81 -27.85 6.80
C ARG D 87 -34.01 -26.38 6.42
N LYS D 88 -35.03 -25.75 7.00
CA LYS D 88 -35.41 -24.40 6.64
C LYS D 88 -35.38 -23.49 7.86
N VAL D 89 -34.87 -22.27 7.65
CA VAL D 89 -34.80 -21.25 8.70
C VAL D 89 -35.39 -19.96 8.13
N VAL D 90 -36.27 -19.32 8.91
CA VAL D 90 -36.95 -18.10 8.51
C VAL D 90 -36.48 -16.97 9.41
N PHE D 91 -36.16 -15.82 8.81
CA PHE D 91 -35.70 -14.65 9.54
C PHE D 91 -36.55 -13.44 9.18
N HIS D 92 -36.72 -12.55 10.17
CA HIS D 92 -37.28 -11.22 9.95
C HIS D 92 -36.14 -10.24 10.15
N MET D 93 -35.74 -9.57 9.07
CA MET D 93 -34.46 -8.86 9.04
C MET D 93 -34.64 -7.41 8.64
N GLU D 94 -33.64 -6.61 9.03
CA GLU D 94 -33.40 -5.28 8.49
C GLU D 94 -31.97 -5.25 7.96
N ILE D 95 -31.77 -4.53 6.86
CA ILE D 95 -30.47 -4.45 6.20
C ILE D 95 -30.11 -2.98 6.01
N TYR D 96 -28.88 -2.62 6.39
CA TYR D 96 -28.38 -1.26 6.26
C TYR D 96 -27.09 -1.26 5.46
N ALA D 97 -26.90 -0.23 4.64
CA ALA D 97 -25.68 -0.05 3.88
C ALA D 97 -25.58 1.41 3.46
N GLU D 98 -24.35 1.88 3.29
CA GLU D 98 -24.08 3.27 2.91
C GLU D 98 -23.65 3.30 1.46
N MET D 99 -24.48 3.92 0.61
CA MET D 99 -24.21 4.04 -0.81
C MET D 99 -23.72 5.46 -1.11
N GLY D 100 -23.43 5.70 -2.39
CA GLY D 100 -23.05 7.04 -2.81
C GLY D 100 -24.21 8.01 -2.75
N ASP D 101 -25.41 7.53 -3.09
CA ASP D 101 -26.62 8.35 -3.06
C ASP D 101 -27.42 8.10 -1.79
N GLY D 102 -26.79 8.36 -0.65
CA GLY D 102 -27.47 8.30 0.62
C GLY D 102 -27.37 6.98 1.35
N VAL D 103 -28.43 6.63 2.08
CA VAL D 103 -28.46 5.46 2.95
C VAL D 103 -29.43 4.44 2.38
N TYR D 104 -29.05 3.17 2.40
CA TYR D 104 -29.92 2.07 2.05
C TYR D 104 -30.40 1.38 3.32
N HIS D 105 -31.71 1.17 3.42
CA HIS D 105 -32.29 0.53 4.61
C HIS D 105 -33.69 0.05 4.25
N ASN D 106 -33.95 -1.24 4.47
CA ASN D 106 -35.27 -1.81 4.19
C ASN D 106 -35.50 -3.01 5.09
N GLU D 107 -36.73 -3.49 5.08
CA GLU D 107 -37.18 -4.62 5.88
C GLU D 107 -37.36 -5.84 5.00
N PHE D 108 -36.99 -7.02 5.51
CA PHE D 108 -36.93 -8.22 4.70
C PHE D 108 -37.54 -9.40 5.43
N ILE D 109 -37.90 -10.42 4.65
CA ILE D 109 -38.22 -11.75 5.15
C ILE D 109 -37.28 -12.72 4.43
N PHE D 110 -36.45 -13.43 5.20
CA PHE D 110 -35.47 -14.35 4.65
C PHE D 110 -35.85 -15.79 4.96
N ILE D 111 -35.70 -16.66 3.96
CA ILE D 111 -35.98 -18.08 4.09
C ILE D 111 -34.77 -18.83 3.54
N MET D 112 -34.03 -19.49 4.41
CA MET D 112 -32.84 -20.25 4.01
C MET D 112 -33.15 -21.74 4.00
N THR D 113 -32.46 -22.44 3.11
CA THR D 113 -32.54 -23.90 3.01
C THR D 113 -31.13 -24.45 2.98
N THR D 114 -30.81 -25.33 3.92
CA THR D 114 -29.48 -25.91 4.03
C THR D 114 -29.46 -27.31 3.41
N ASN D 115 -28.27 -27.91 3.38
CA ASN D 115 -28.12 -29.27 2.93
C ASN D 115 -28.59 -30.24 4.03
N ASP D 116 -28.45 -31.54 3.76
CA ASP D 116 -28.87 -32.54 4.74
C ASP D 116 -28.02 -32.44 6.01
N GLU D 117 -26.73 -32.15 5.86
CA GLU D 117 -25.85 -32.00 7.01
C GLU D 117 -26.13 -30.72 7.79
N GLY D 118 -26.82 -29.75 7.18
CA GLY D 118 -27.04 -28.47 7.84
C GLY D 118 -25.80 -27.60 7.93
N THR D 119 -24.80 -27.86 7.10
CA THR D 119 -23.54 -27.14 7.17
C THR D 119 -23.36 -26.13 6.04
N LEU D 120 -24.12 -26.23 4.96
CA LEU D 120 -24.00 -25.33 3.82
C LEU D 120 -25.38 -24.89 3.36
N LEU D 121 -25.45 -23.68 2.84
CA LEU D 121 -26.71 -23.13 2.34
C LEU D 121 -26.99 -23.63 0.92
N LYS D 122 -28.21 -24.10 0.70
CA LYS D 122 -28.65 -24.56 -0.62
C LYS D 122 -29.54 -23.55 -1.33
N GLU D 123 -30.37 -22.81 -0.60
CA GLU D 123 -31.26 -21.83 -1.21
C GLU D 123 -31.45 -20.66 -0.26
N VAL D 124 -31.43 -19.45 -0.81
CA VAL D 124 -31.69 -18.22 -0.08
C VAL D 124 -32.80 -17.47 -0.81
N ALA D 125 -33.90 -17.20 -0.11
CA ALA D 125 -35.03 -16.49 -0.68
C ALA D 125 -35.34 -15.27 0.18
N GLU D 126 -35.56 -14.12 -0.47
CA GLU D 126 -35.85 -12.88 0.24
C GLU D 126 -37.06 -12.21 -0.39
N TYR D 127 -38.00 -11.79 0.46
CA TYR D 127 -39.12 -10.95 0.06
C TYR D 127 -38.79 -9.50 0.43
N VAL D 128 -38.83 -8.62 -0.56
CA VAL D 128 -38.30 -7.27 -0.42
C VAL D 128 -39.44 -6.26 -0.51
N ASP D 129 -39.13 -5.02 -0.11
CA ASP D 129 -40.05 -3.89 -0.19
C ASP D 129 -40.05 -3.39 -1.63
N THR D 130 -41.06 -3.80 -2.40
CA THR D 130 -41.07 -3.50 -3.83
C THR D 130 -41.19 -2.00 -4.11
N ALA D 131 -41.98 -1.29 -3.29
CA ALA D 131 -42.14 0.14 -3.50
C ALA D 131 -40.84 0.89 -3.23
N ALA D 132 -39.97 0.35 -2.36
CA ALA D 132 -38.70 0.99 -2.06
C ALA D 132 -37.60 0.55 -3.01
N GLU D 133 -37.59 -0.72 -3.41
CA GLU D 133 -36.55 -1.21 -4.31
C GLU D 133 -36.71 -0.60 -5.70
N LYS D 134 -37.95 -0.42 -6.17
CA LYS D 134 -38.17 0.25 -7.44
C LYS D 134 -37.75 1.72 -7.36
N LYS D 135 -37.93 2.36 -6.21
CA LYS D 135 -37.45 3.72 -6.05
C LYS D 135 -35.93 3.78 -6.09
N PHE D 136 -35.26 2.84 -5.41
CA PHE D 136 -33.81 2.84 -5.38
C PHE D 136 -33.21 2.52 -6.76
N ALA D 137 -33.91 1.70 -7.55
CA ALA D 137 -33.43 1.42 -8.90
C ALA D 137 -33.57 2.64 -9.81
N ALA D 138 -34.58 3.47 -9.58
CA ALA D 138 -34.77 4.67 -10.38
C ALA D 138 -34.12 5.88 -9.72
CA CA E . -8.08 -7.33 -2.34
CA CA F . 9.01 0.59 6.49
CA CA G . 35.60 4.82 -7.80
CA CA H . -36.91 1.68 3.79
#